data_3V0P
#
_entry.id   3V0P
#
_cell.length_a   78.300
_cell.length_b   153.520
_cell.length_c   52.830
_cell.angle_alpha   90.000
_cell.angle_beta   90.000
_cell.angle_gamma   90.000
#
_symmetry.space_group_name_H-M   'P 21 21 2'
#
loop_
_entity.id
_entity.type
_entity.pdbx_description
1 polymer 'Histo-blood group ABO system transferase'
2 non-polymer 'MANGANESE (II) ION'
3 non-polymer "5-(5-formylthiophen-2-yl)uridine 5'-(trihydrogen diphosphate)"
4 non-polymer 'octyl 2-O-(6-deoxy-alpha-L-galactopyranosyl)-beta-D-galactopyranoside'
5 non-polymer 'SULFATE ION'
6 water water
#
_entity_poly.entity_id   1
_entity_poly.type   'polypeptide(L)'
_entity_poly.pdbx_seq_one_letter_code
;MAIGEFMVSLPRMVYPQPKVLTPCRKDVLVVTPWLAPIVWEGTFNIDILNEQFRLQNTTIGLTVFAIKKYVAFLKLFLET
AEKHFMVGHRVHYYVFTDQPAAVPRVTLGTGRQLSVLEVRAYKRWQDVSMRRMEMISDFCERRFLSEVDYLVCVDVDMEF
RDHVGVEILTPLFGTLHPGFYGSSREAFTYERRPQSQAYIPKDEGDFYYGGAFFGGSVQEVQRLTRACHQAMMVDQANGI
EAVWHDESHLNKYLLRHKPTKVLSPEYLWDQQLLGWPAVLRKLRFTAVPKNHQAVRNP
;
_entity_poly.pdbx_strand_id   A,B
#
loop_
_chem_comp.id
_chem_comp.type
_chem_comp.name
_chem_comp.formula
4GW non-polymer '5-(5-formylthiophen-2-yl)uridine 5'-(trihydrogen diphosphate)' 'C14 H16 N2 O13 P2 S'
BHE non-polymer 'octyl 2-O-(6-deoxy-alpha-L-galactopyranosyl)-beta-D-galactopyranoside' 'C20 H38 O10'
MN non-polymer 'MANGANESE (II) ION' 'Mn 2'
SO4 non-polymer 'SULFATE ION' 'O4 S -2'
#
# COMPACT_ATOMS: atom_id res chain seq x y z
N ALA A 2 13.98 -12.05 -0.47
CA ALA A 2 14.01 -11.08 -1.56
C ALA A 2 12.75 -10.24 -1.53
N ILE A 3 12.76 -9.13 -2.27
CA ILE A 3 11.52 -8.39 -2.48
C ILE A 3 11.05 -8.66 -3.91
N GLY A 4 10.04 -9.52 -4.04
CA GLY A 4 9.55 -9.92 -5.34
C GLY A 4 9.19 -8.72 -6.19
N GLU A 5 9.56 -8.77 -7.47
CA GLU A 5 9.17 -7.70 -8.39
C GLU A 5 7.66 -7.71 -8.68
N PHE A 6 7.07 -8.90 -8.69
CA PHE A 6 5.67 -9.06 -9.10
C PHE A 6 4.79 -9.69 -8.03
N MET A 7 3.48 -9.59 -8.20
CA MET A 7 2.53 -10.22 -7.28
C MET A 7 2.77 -11.74 -7.26
N VAL A 8 2.71 -12.33 -6.07
CA VAL A 8 2.92 -13.78 -5.94
C VAL A 8 1.60 -14.53 -6.06
N SER A 9 1.67 -15.80 -6.47
CA SER A 9 0.50 -16.65 -6.60
C SER A 9 0.29 -17.47 -5.33
N LEU A 10 -0.90 -17.33 -4.72
CA LEU A 10 -1.18 -18.00 -3.46
C LEU A 10 -1.84 -19.36 -3.70
N PRO A 11 -1.63 -20.30 -2.77
CA PRO A 11 -2.34 -21.58 -2.84
C PRO A 11 -3.78 -21.36 -2.43
N ARG A 12 -4.64 -22.36 -2.62
CA ARG A 12 -6.01 -22.30 -2.11
C ARG A 12 -5.97 -22.07 -0.59
N MET A 13 -6.78 -21.14 -0.10
CA MET A 13 -6.90 -20.89 1.33
C MET A 13 -8.35 -20.76 1.76
N VAL A 14 -8.67 -21.26 2.95
CA VAL A 14 -10.01 -21.09 3.50
C VAL A 14 -10.01 -20.13 4.68
N TYR A 15 -10.72 -19.02 4.53
CA TYR A 15 -10.83 -18.00 5.58
C TYR A 15 -12.14 -17.23 5.40
N PRO A 16 -12.58 -16.55 6.48
CA PRO A 16 -13.82 -15.78 6.44
C PRO A 16 -13.78 -14.73 5.34
N GLN A 17 -14.88 -14.59 4.61
CA GLN A 17 -14.97 -13.60 3.54
C GLN A 17 -14.95 -12.19 4.11
N PRO A 18 -14.17 -11.29 3.48
CA PRO A 18 -14.27 -9.89 3.93
C PRO A 18 -15.63 -9.33 3.55
N LYS A 19 -16.27 -8.62 4.47
CA LYS A 19 -17.60 -8.06 4.22
C LYS A 19 -17.52 -6.57 3.90
N VAL A 20 -17.80 -6.24 2.65
CA VAL A 20 -17.75 -4.88 2.16
C VAL A 20 -18.65 -3.95 2.98
N LEU A 21 -19.79 -4.45 3.40
CA LEU A 21 -20.79 -3.58 4.03
C LEU A 21 -20.79 -3.66 5.56
N THR A 22 -19.94 -4.52 6.11
CA THR A 22 -19.83 -4.67 7.56
CA THR A 22 -19.83 -4.61 7.57
C THR A 22 -18.38 -4.62 8.03
N PRO A 23 -17.72 -3.44 7.94
CA PRO A 23 -16.34 -3.34 8.40
C PRO A 23 -16.20 -3.70 9.88
N CYS A 24 -15.13 -4.41 10.24
CA CYS A 24 -14.88 -4.79 11.63
C CYS A 24 -14.51 -3.58 12.51
N ARG A 25 -13.49 -2.85 12.11
CA ARG A 25 -13.08 -1.64 12.85
C ARG A 25 -13.80 -0.40 12.34
N LYS A 26 -14.74 0.13 13.12
CA LYS A 26 -15.45 1.35 12.75
C LYS A 26 -15.11 2.46 13.75
N ASP A 27 -14.20 2.17 14.67
CA ASP A 27 -13.87 3.08 15.75
C ASP A 27 -12.60 3.87 15.49
N VAL A 28 -11.86 3.50 14.45
CA VAL A 28 -10.58 4.13 14.15
C VAL A 28 -10.41 4.32 12.65
N LEU A 29 -9.56 5.28 12.28
CA LEU A 29 -9.16 5.46 10.88
C LEU A 29 -8.24 4.31 10.50
N VAL A 30 -8.60 3.53 9.48
CA VAL A 30 -7.72 2.41 9.08
C VAL A 30 -7.01 2.65 7.75
N VAL A 31 -7.15 3.85 7.20
CA VAL A 31 -6.42 4.23 5.99
C VAL A 31 -6.11 5.73 6.00
N THR A 32 -4.89 6.11 5.63
CA THR A 32 -4.53 7.54 5.62
C THR A 32 -5.10 8.19 4.36
N PRO A 33 -5.05 9.54 4.30
CA PRO A 33 -5.56 10.26 3.11
C PRO A 33 -4.74 10.03 1.84
N TRP A 34 -3.57 9.40 1.98
CA TRP A 34 -2.79 9.02 0.82
C TRP A 34 -2.87 7.51 0.58
N LEU A 35 -3.90 6.91 1.17
CA LEU A 35 -4.26 5.52 0.91
C LEU A 35 -3.23 4.53 1.43
N ALA A 36 -2.58 4.88 2.53
CA ALA A 36 -1.72 3.93 3.22
C ALA A 36 -2.52 3.31 4.35
N PRO A 37 -2.46 1.97 4.49
CA PRO A 37 -3.14 1.30 5.60
C PRO A 37 -2.59 1.79 6.94
N ILE A 38 -3.49 1.97 7.91
CA ILE A 38 -3.10 2.15 9.30
C ILE A 38 -3.38 0.82 10.00
N VAL A 39 -2.32 0.20 10.53
CA VAL A 39 -2.41 -1.21 10.95
C VAL A 39 -2.92 -1.39 12.38
N TRP A 40 -4.14 -1.90 12.49
CA TRP A 40 -4.78 -2.19 13.77
C TRP A 40 -5.23 -3.64 13.75
N GLU A 41 -5.34 -4.26 14.92
CA GLU A 41 -5.93 -5.59 15.00
C GLU A 41 -7.34 -5.57 14.38
N GLY A 42 -7.63 -6.57 13.57
CA GLY A 42 -8.92 -6.67 12.90
C GLY A 42 -8.89 -6.16 11.46
N THR A 43 -7.79 -5.52 11.08
CA THR A 43 -7.70 -5.00 9.72
C THR A 43 -6.99 -5.96 8.77
N PHE A 44 -6.28 -6.93 9.32
CA PHE A 44 -5.49 -7.84 8.48
C PHE A 44 -5.74 -9.32 8.78
N ASN A 45 -5.63 -10.14 7.74
CA ASN A 45 -5.62 -11.59 7.91
C ASN A 45 -4.17 -12.04 7.85
N ILE A 46 -3.60 -12.43 8.99
CA ILE A 46 -2.17 -12.74 9.08
C ILE A 46 -1.79 -13.98 8.26
N ASP A 47 -2.74 -14.89 8.02
CA ASP A 47 -2.43 -16.08 7.23
C ASP A 47 -2.15 -15.73 5.77
N ILE A 48 -2.94 -14.82 5.22
CA ILE A 48 -2.74 -14.36 3.84
C ILE A 48 -1.41 -13.63 3.74
N LEU A 49 -1.17 -12.71 4.67
CA LEU A 49 0.08 -11.92 4.60
C LEU A 49 1.30 -12.83 4.81
N ASN A 50 1.20 -13.77 5.75
CA ASN A 50 2.29 -14.72 5.96
C ASN A 50 2.64 -15.51 4.70
N GLU A 51 1.62 -15.98 3.97
CA GLU A 51 1.83 -16.67 2.70
C GLU A 51 2.54 -15.75 1.69
N GLN A 52 2.03 -14.54 1.52
CA GLN A 52 2.61 -13.60 0.55
C GLN A 52 4.08 -13.36 0.85
N PHE A 53 4.41 -13.10 2.11
CA PHE A 53 5.80 -12.82 2.46
C PHE A 53 6.70 -14.06 2.51
N ARG A 54 6.17 -15.20 2.94
CA ARG A 54 6.99 -16.42 2.94
C ARG A 54 7.38 -16.80 1.51
N LEU A 55 6.45 -16.62 0.58
CA LEU A 55 6.69 -16.95 -0.82
C LEU A 55 7.83 -16.12 -1.44
N GLN A 56 8.15 -14.99 -0.81
CA GLN A 56 9.27 -14.17 -1.26
C GLN A 56 10.54 -14.43 -0.45
N ASN A 57 10.49 -15.42 0.43
CA ASN A 57 11.59 -15.69 1.38
C ASN A 57 12.11 -14.38 1.98
N THR A 58 11.20 -13.64 2.58
CA THR A 58 11.50 -12.32 3.11
C THR A 58 12.44 -12.43 4.31
N THR A 59 13.48 -11.61 4.32
CA THR A 59 14.35 -11.49 5.48
C THR A 59 14.20 -10.12 6.12
N ILE A 60 13.95 -10.09 7.42
CA ILE A 60 13.75 -8.82 8.13
C ILE A 60 14.92 -8.54 9.07
N GLY A 61 15.52 -7.36 8.94
CA GLY A 61 16.48 -6.89 9.92
C GLY A 61 15.84 -6.06 11.02
N LEU A 62 16.33 -6.23 12.25
CA LEU A 62 15.81 -5.52 13.42
C LEU A 62 17.00 -4.86 14.12
N THR A 63 17.03 -3.53 14.09
CA THR A 63 18.16 -2.79 14.67
C THR A 63 17.78 -2.25 16.03
N VAL A 64 18.73 -2.31 16.94
CA VAL A 64 18.50 -1.87 18.30
C VAL A 64 19.84 -1.38 18.85
N PHE A 65 19.82 -0.20 19.49
CA PHE A 65 21.02 0.36 20.10
C PHE A 65 21.03 0.12 21.61
N ALA A 66 22.14 -0.40 22.10
CA ALA A 66 22.31 -0.62 23.53
C ALA A 66 23.67 -0.08 23.92
N ILE A 67 23.71 1.23 24.15
CA ILE A 67 24.95 1.94 24.45
C ILE A 67 24.97 2.20 25.95
N LYS A 68 26.14 2.05 26.58
CA LYS A 68 26.28 2.26 28.02
C LYS A 68 25.36 1.34 28.82
N LYS A 69 24.59 1.90 29.77
CA LYS A 69 23.80 1.07 30.67
C LYS A 69 22.63 0.36 29.97
N TYR A 70 22.32 0.76 28.74
CA TYR A 70 21.16 0.19 28.06
C TYR A 70 21.35 -1.24 27.59
N VAL A 71 22.57 -1.78 27.76
CA VAL A 71 22.79 -3.20 27.53
C VAL A 71 21.91 -4.06 28.44
N ALA A 72 21.53 -3.52 29.60
CA ALA A 72 20.64 -4.21 30.53
C ALA A 72 19.28 -4.59 29.91
N PHE A 73 18.87 -3.88 28.86
CA PHE A 73 17.57 -4.11 28.24
C PHE A 73 17.57 -5.24 27.22
N LEU A 74 18.76 -5.69 26.83
CA LEU A 74 18.89 -6.64 25.73
C LEU A 74 18.28 -8.02 25.97
N LYS A 75 18.48 -8.59 27.16
CA LYS A 75 18.04 -9.95 27.38
C LYS A 75 16.53 -10.08 27.17
N LEU A 76 15.77 -9.19 27.78
CA LEU A 76 14.31 -9.22 27.66
C LEU A 76 13.87 -8.83 26.27
N PHE A 77 14.49 -7.79 25.71
CA PHE A 77 14.19 -7.40 24.33
C PHE A 77 14.27 -8.60 23.38
N LEU A 78 15.43 -9.25 23.36
CA LEU A 78 15.70 -10.35 22.45
C LEU A 78 14.85 -11.60 22.73
N GLU A 79 14.71 -11.95 24.01
CA GLU A 79 13.92 -13.11 24.39
C GLU A 79 12.46 -12.95 23.98
N THR A 80 11.92 -11.75 24.15
CA THR A 80 10.53 -11.51 23.74
C THR A 80 10.39 -11.37 22.23
N ALA A 81 11.41 -10.81 21.58
CA ALA A 81 11.42 -10.79 20.12
C ALA A 81 11.33 -12.20 19.55
N GLU A 82 12.04 -13.14 20.18
CA GLU A 82 11.98 -14.53 19.74
C GLU A 82 10.57 -15.11 19.80
N LYS A 83 9.77 -14.63 20.75
CA LYS A 83 8.42 -15.16 20.92
C LYS A 83 7.41 -14.47 20.01
N HIS A 84 7.68 -13.24 19.58
CA HIS A 84 6.63 -12.42 18.97
C HIS A 84 6.95 -11.75 17.63
N PHE A 85 8.23 -11.64 17.31
CA PHE A 85 8.65 -10.85 16.15
C PHE A 85 8.93 -11.71 14.94
N MET A 86 8.08 -11.57 13.92
CA MET A 86 8.32 -12.21 12.63
C MET A 86 8.57 -13.71 12.73
N VAL A 87 7.96 -14.36 13.71
CA VAL A 87 8.11 -15.82 13.85
C VAL A 87 7.67 -16.57 12.60
N GLY A 88 8.53 -17.45 12.11
CA GLY A 88 8.28 -18.19 10.88
C GLY A 88 9.07 -17.64 9.71
N HIS A 89 9.60 -16.43 9.88
CA HIS A 89 10.33 -15.75 8.82
C HIS A 89 11.82 -15.64 9.15
N ARG A 90 12.63 -15.26 8.16
CA ARG A 90 14.05 -15.03 8.41
C ARG A 90 14.25 -13.70 9.13
N VAL A 91 14.97 -13.75 10.24
CA VAL A 91 15.25 -12.53 11.00
C VAL A 91 16.73 -12.35 11.28
N HIS A 92 17.21 -11.12 11.16
CA HIS A 92 18.60 -10.80 11.49
C HIS A 92 18.59 -9.63 12.48
N TYR A 93 18.99 -9.90 13.72
CA TYR A 93 19.10 -8.86 14.72
C TYR A 93 20.40 -8.12 14.57
N TYR A 94 20.35 -6.80 14.65
CA TYR A 94 21.56 -6.01 14.64
C TYR A 94 21.64 -5.22 15.95
N VAL A 95 22.54 -5.65 16.82
CA VAL A 95 22.72 -4.95 18.08
C VAL A 95 23.93 -4.02 18.02
N PHE A 96 23.66 -2.72 18.02
CA PHE A 96 24.70 -1.70 18.02
C PHE A 96 25.07 -1.43 19.47
N THR A 97 26.36 -1.57 19.83
CA THR A 97 26.72 -1.37 21.23
C THR A 97 28.18 -0.96 21.40
N ASP A 98 28.49 -0.32 22.52
CA ASP A 98 29.88 0.00 22.85
C ASP A 98 30.47 -1.10 23.71
N GLN A 99 29.67 -2.12 24.01
CA GLN A 99 30.13 -3.22 24.85
C GLN A 99 29.74 -4.57 24.27
N PRO A 100 30.46 -5.00 23.21
CA PRO A 100 30.17 -6.29 22.58
C PRO A 100 30.09 -7.44 23.58
N ALA A 101 30.97 -7.43 24.58
CA ALA A 101 31.05 -8.55 25.52
C ALA A 101 29.86 -8.60 26.47
N ALA A 102 29.08 -7.51 26.51
CA ALA A 102 27.97 -7.41 27.45
C ALA A 102 26.65 -7.85 26.81
N VAL A 103 26.68 -8.18 25.53
CA VAL A 103 25.49 -8.70 24.88
C VAL A 103 25.15 -10.09 25.43
N PRO A 104 23.93 -10.25 25.96
CA PRO A 104 23.59 -11.55 26.57
C PRO A 104 23.45 -12.67 25.55
N ARG A 105 23.78 -13.88 25.97
CA ARG A 105 23.59 -15.04 25.12
C ARG A 105 22.11 -15.37 25.12
N VAL A 106 21.50 -15.32 23.94
CA VAL A 106 20.09 -15.66 23.80
C VAL A 106 19.96 -16.69 22.70
N THR A 107 19.26 -17.77 23.02
CA THR A 107 19.07 -18.87 22.11
C THR A 107 18.07 -18.45 21.04
N LEU A 108 18.42 -18.65 19.78
CA LEU A 108 17.57 -18.20 18.68
C LEU A 108 16.93 -19.34 17.91
N GLY A 109 15.72 -19.11 17.42
CA GLY A 109 15.03 -20.10 16.61
C GLY A 109 15.72 -20.24 15.25
N THR A 110 15.40 -21.31 14.54
CA THR A 110 15.99 -21.58 13.25
C THR A 110 15.68 -20.44 12.27
N GLY A 111 16.66 -20.12 11.43
CA GLY A 111 16.50 -19.05 10.45
C GLY A 111 16.65 -17.66 11.02
N ARG A 112 17.14 -17.58 12.25
CA ARG A 112 17.28 -16.30 12.93
C ARG A 112 18.71 -16.17 13.42
N GLN A 113 19.27 -14.98 13.30
CA GLN A 113 20.66 -14.78 13.67
C GLN A 113 20.86 -13.37 14.20
N LEU A 114 21.99 -13.16 14.85
CA LEU A 114 22.27 -11.87 15.49
C LEU A 114 23.68 -11.44 15.17
N SER A 115 23.84 -10.16 14.84
CA SER A 115 25.15 -9.56 14.65
C SER A 115 25.35 -8.44 15.64
N VAL A 116 26.53 -8.38 16.23
CA VAL A 116 26.87 -7.30 17.16
C VAL A 116 27.73 -6.28 16.43
N LEU A 117 27.28 -5.03 16.40
CA LEU A 117 27.99 -3.97 15.71
C LEU A 117 28.57 -3.01 16.74
N GLU A 118 29.88 -3.07 16.95
CA GLU A 118 30.52 -2.21 17.92
C GLU A 118 30.61 -0.77 17.40
N VAL A 119 30.04 0.17 18.16
CA VAL A 119 30.07 1.58 17.78
C VAL A 119 30.50 2.49 18.92
N ARG A 120 30.75 3.75 18.58
CA ARG A 120 31.16 4.77 19.55
C ARG A 120 30.01 5.17 20.47
N ALA A 121 30.33 5.49 21.72
CA ALA A 121 29.36 5.98 22.69
C ALA A 121 29.50 7.50 22.87
N TYR A 122 28.48 8.25 22.48
CA TYR A 122 28.50 9.70 22.65
C TYR A 122 28.26 10.08 24.11
N LYS A 123 28.86 11.18 24.54
CA LYS A 123 28.72 11.64 25.93
C LYS A 123 27.28 12.01 26.27
N ARG A 124 26.67 12.85 25.44
CA ARG A 124 25.30 13.31 25.69
C ARG A 124 24.28 12.27 25.25
N TRP A 125 23.31 11.99 26.11
CA TRP A 125 22.28 11.03 25.74
C TRP A 125 21.54 11.47 24.47
N GLN A 126 21.42 12.78 24.28
CA GLN A 126 20.74 13.32 23.10
C GLN A 126 21.48 12.92 21.83
N ASP A 127 22.82 12.94 21.88
CA ASP A 127 23.62 12.52 20.74
C ASP A 127 23.59 11.00 20.53
N VAL A 128 23.58 10.25 21.62
CA VAL A 128 23.44 8.80 21.52
C VAL A 128 22.18 8.48 20.72
N SER A 129 21.07 9.13 21.08
CA SER A 129 19.78 8.94 20.42
C SER A 129 19.81 9.40 18.96
N MET A 130 20.37 10.59 18.73
CA MET A 130 20.35 11.19 17.40
C MET A 130 21.29 10.51 16.42
N ARG A 131 22.45 10.05 16.91
CA ARG A 131 23.44 9.43 16.02
C ARG A 131 23.05 8.04 15.50
N ARG A 132 21.99 7.46 16.06
CA ARG A 132 21.40 6.23 15.53
C ARG A 132 21.10 6.39 14.04
N MET A 133 20.61 7.56 13.63
CA MET A 133 20.33 7.81 12.22
C MET A 133 21.57 7.64 11.36
N GLU A 134 22.67 8.28 11.77
CA GLU A 134 23.91 8.18 11.02
C GLU A 134 24.39 6.73 10.98
N MET A 135 24.32 6.07 12.13
CA MET A 135 24.84 4.72 12.25
C MET A 135 24.01 3.72 11.43
N ILE A 136 22.70 3.87 11.47
CA ILE A 136 21.84 3.02 10.65
C ILE A 136 22.15 3.25 9.17
N SER A 137 22.23 4.51 8.76
N SER A 137 22.22 4.51 8.75
CA SER A 137 22.50 4.83 7.36
CA SER A 137 22.51 4.82 7.36
C SER A 137 23.84 4.26 6.89
C SER A 137 23.84 4.21 6.92
N ASP A 138 24.87 4.40 7.73
CA ASP A 138 26.21 3.90 7.41
CA ASP A 138 26.22 3.90 7.44
C ASP A 138 26.20 2.39 7.17
N PHE A 139 25.55 1.64 8.07
CA PHE A 139 25.49 0.18 7.95
C PHE A 139 24.54 -0.33 6.90
N CYS A 140 23.61 0.51 6.44
CA CYS A 140 22.78 0.15 5.30
C CYS A 140 23.71 -0.15 4.12
N GLU A 141 24.68 0.73 3.92
CA GLU A 141 25.63 0.53 2.83
C GLU A 141 26.59 -0.61 3.16
N ARG A 142 27.05 -0.67 4.41
CA ARG A 142 28.09 -1.65 4.76
C ARG A 142 27.58 -3.09 4.86
N ARG A 143 26.34 -3.27 5.30
CA ARG A 143 25.82 -4.59 5.66
C ARG A 143 24.39 -4.85 5.19
N PHE A 144 23.49 -3.90 5.46
CA PHE A 144 22.07 -4.22 5.39
C PHE A 144 21.57 -4.49 3.98
N LEU A 145 22.06 -3.73 3.00
CA LEU A 145 21.58 -3.92 1.63
C LEU A 145 21.83 -5.36 1.12
N SER A 146 22.97 -5.93 1.50
CA SER A 146 23.28 -7.30 1.11
C SER A 146 22.57 -8.37 1.96
N GLU A 147 22.15 -8.00 3.17
CA GLU A 147 21.75 -9.03 4.15
C GLU A 147 20.25 -9.19 4.41
N VAL A 148 19.48 -8.12 4.27
CA VAL A 148 18.06 -8.20 4.61
C VAL A 148 17.22 -7.47 3.54
N ASP A 149 15.93 -7.74 3.51
CA ASP A 149 15.04 -7.04 2.58
C ASP A 149 14.40 -5.82 3.24
N TYR A 150 14.01 -5.98 4.50
CA TYR A 150 13.37 -4.91 5.24
C TYR A 150 14.15 -4.64 6.51
N LEU A 151 14.13 -3.38 6.94
CA LEU A 151 14.74 -3.00 8.22
C LEU A 151 13.68 -2.45 9.15
N VAL A 152 13.73 -2.90 10.39
CA VAL A 152 12.84 -2.40 11.42
C VAL A 152 13.72 -1.79 12.52
N CYS A 153 13.49 -0.53 12.87
CA CYS A 153 14.42 0.17 13.75
C CYS A 153 13.69 0.63 15.00
N VAL A 154 14.09 0.08 16.15
CA VAL A 154 13.35 0.35 17.37
C VAL A 154 14.24 0.71 18.57
N ASP A 155 13.60 1.31 19.57
CA ASP A 155 14.19 1.51 20.88
C ASP A 155 14.42 0.16 21.56
N VAL A 156 15.42 0.11 22.45
CA VAL A 156 15.77 -1.11 23.15
C VAL A 156 15.05 -1.23 24.51
N ASP A 157 14.63 -0.10 25.08
CA ASP A 157 14.00 -0.11 26.41
C ASP A 157 12.55 -0.55 26.31
N MET A 158 12.35 -1.72 25.72
CA MET A 158 11.03 -2.17 25.32
C MET A 158 10.95 -3.69 25.41
N GLU A 159 9.74 -4.22 25.38
CA GLU A 159 9.56 -5.67 25.25
C GLU A 159 8.39 -5.96 24.33
N PHE A 160 8.48 -7.08 23.61
CA PHE A 160 7.35 -7.57 22.83
C PHE A 160 6.43 -8.36 23.75
N ARG A 161 5.12 -8.14 23.59
CA ARG A 161 4.12 -8.85 24.40
C ARG A 161 3.07 -9.53 23.53
N ASP A 162 3.12 -9.27 22.23
CA ASP A 162 2.16 -9.89 21.33
C ASP A 162 2.72 -9.82 19.92
N HIS A 163 2.03 -10.45 19.00
CA HIS A 163 2.43 -10.52 17.60
C HIS A 163 2.89 -9.19 16.98
N VAL A 164 4.10 -9.21 16.41
CA VAL A 164 4.56 -8.17 15.49
C VAL A 164 5.14 -8.90 14.28
N GLY A 165 4.44 -8.81 13.17
CA GLY A 165 4.80 -9.62 12.02
C GLY A 165 4.74 -8.86 10.71
N VAL A 166 4.58 -9.60 9.62
CA VAL A 166 4.81 -9.09 8.27
C VAL A 166 3.75 -8.08 7.83
N GLU A 167 2.65 -7.98 8.57
CA GLU A 167 1.65 -6.91 8.36
C GLU A 167 2.28 -5.50 8.42
N ILE A 168 3.42 -5.35 9.09
CA ILE A 168 4.06 -4.03 9.15
C ILE A 168 4.94 -3.72 7.93
N LEU A 169 5.31 -4.75 7.16
CA LEU A 169 6.32 -4.60 6.11
C LEU A 169 5.77 -3.90 4.87
N THR A 170 6.56 -2.97 4.34
CA THR A 170 6.13 -2.03 3.31
C THR A 170 7.36 -1.18 3.00
N PRO A 171 7.38 -0.47 1.87
CA PRO A 171 8.56 0.36 1.56
C PRO A 171 8.96 1.35 2.66
N LEU A 172 8.00 2.03 3.29
CA LEU A 172 8.31 3.00 4.33
C LEU A 172 7.18 3.08 5.36
N PHE A 173 7.51 2.85 6.63
CA PHE A 173 6.50 2.96 7.67
C PHE A 173 6.96 3.76 8.89
N GLY A 174 5.98 4.42 9.50
CA GLY A 174 6.16 5.07 10.79
C GLY A 174 5.07 4.56 11.70
N THR A 175 5.17 4.93 12.96
CA THR A 175 4.28 4.41 14.00
C THR A 175 3.65 5.56 14.76
N LEU A 176 2.34 5.51 14.98
CA LEU A 176 1.68 6.53 15.79
C LEU A 176 2.18 6.54 17.24
N HIS A 177 2.78 7.65 17.64
CA HIS A 177 3.27 7.85 19.00
C HIS A 177 2.10 7.66 19.97
N PRO A 178 2.31 6.90 21.06
CA PRO A 178 1.23 6.57 21.98
C PRO A 178 0.67 7.79 22.71
N GLY A 179 1.46 8.85 22.84
CA GLY A 179 0.98 10.02 23.54
C GLY A 179 0.11 10.97 22.73
N PHE A 180 0.02 10.79 21.41
CA PHE A 180 -0.58 11.83 20.58
C PHE A 180 -1.54 11.33 19.51
N TYR A 181 -1.81 10.03 19.48
CA TYR A 181 -2.63 9.47 18.39
C TYR A 181 -4.01 10.12 18.33
N GLY A 182 -4.50 10.57 19.48
CA GLY A 182 -5.79 11.22 19.55
C GLY A 182 -5.73 12.74 19.60
N SER A 183 -4.54 13.31 19.42
CA SER A 183 -4.37 14.75 19.55
C SER A 183 -4.57 15.49 18.23
N SER A 184 -4.86 16.80 18.34
CA SER A 184 -4.91 17.67 17.17
C SER A 184 -3.49 18.05 16.82
N ARG A 185 -3.28 18.45 15.56
CA ARG A 185 -1.92 18.72 15.09
C ARG A 185 -1.26 19.88 15.81
N GLU A 186 -2.06 20.79 16.37
CA GLU A 186 -1.51 21.92 17.09
C GLU A 186 -0.91 21.49 18.43
N ALA A 187 -1.33 20.34 18.94
CA ALA A 187 -0.82 19.81 20.19
C ALA A 187 0.35 18.85 19.98
N PHE A 188 0.61 18.46 18.73
CA PHE A 188 1.80 17.67 18.40
C PHE A 188 3.05 18.43 18.83
N THR A 189 3.99 17.74 19.45
CA THR A 189 5.23 18.41 19.88
C THR A 189 6.29 18.40 18.78
N TYR A 190 5.91 18.83 17.58
CA TYR A 190 6.86 19.06 16.49
C TYR A 190 7.83 20.16 16.91
N GLU A 191 8.97 20.25 16.23
CA GLU A 191 9.86 21.40 16.38
C GLU A 191 9.14 22.62 15.80
N ARG A 192 9.01 23.69 16.59
CA ARG A 192 8.22 24.85 16.15
C ARG A 192 9.09 26.03 15.72
N ARG A 193 10.40 25.90 15.84
CA ARG A 193 11.30 26.97 15.42
C ARG A 193 11.57 26.94 13.92
N PRO A 194 11.27 28.04 13.22
CA PRO A 194 11.43 28.08 11.76
C PRO A 194 12.88 27.88 11.32
N GLN A 195 13.82 28.14 12.22
CA GLN A 195 15.24 28.04 11.91
C GLN A 195 15.71 26.59 11.86
N SER A 196 14.93 25.69 12.44
CA SER A 196 15.29 24.27 12.46
C SER A 196 14.90 23.58 11.16
N GLN A 197 15.72 22.65 10.69
CA GLN A 197 15.35 21.86 9.52
C GLN A 197 14.10 21.02 9.81
N ALA A 198 13.85 20.76 11.09
CA ALA A 198 12.74 19.90 11.50
C ALA A 198 11.45 20.69 11.72
N TYR A 199 11.50 21.98 11.41
CA TYR A 199 10.35 22.88 11.62
C TYR A 199 9.08 22.40 10.92
N ILE A 200 7.98 22.36 11.67
CA ILE A 200 6.65 22.11 11.09
C ILE A 200 5.67 23.09 11.75
N PRO A 201 5.01 23.93 10.94
CA PRO A 201 4.12 24.94 11.53
C PRO A 201 2.83 24.32 12.03
N LYS A 202 2.06 25.08 12.79
CA LYS A 202 0.88 24.52 13.45
C LYS A 202 -0.26 24.15 12.50
N ASP A 203 -0.16 24.58 11.24
CA ASP A 203 -1.20 24.25 10.26
C ASP A 203 -0.81 23.08 9.34
N GLU A 204 0.34 22.46 9.61
CA GLU A 204 0.76 21.27 8.90
C GLU A 204 0.90 20.07 9.83
N GLY A 205 0.95 18.87 9.25
CA GLY A 205 1.11 17.66 10.02
C GLY A 205 -0.05 16.69 9.86
N ASP A 206 0.27 15.42 9.62
CA ASP A 206 -0.74 14.36 9.58
C ASP A 206 -0.84 13.69 10.93
N PHE A 207 0.32 13.21 11.41
CA PHE A 207 0.39 12.45 12.64
C PHE A 207 1.65 12.79 13.39
N TYR A 208 1.72 12.41 14.65
CA TYR A 208 2.97 12.52 15.36
C TYR A 208 3.52 11.11 15.49
N TYR A 209 4.59 10.82 14.74
CA TYR A 209 5.16 9.49 14.72
C TYR A 209 6.21 9.34 15.81
N GLY A 210 6.32 8.14 16.37
CA GLY A 210 7.31 7.93 17.42
C GLY A 210 8.67 7.56 16.86
N GLY A 211 9.72 8.19 17.37
CA GLY A 211 11.07 7.86 16.96
C GLY A 211 11.52 6.45 17.33
N ALA A 212 10.76 5.79 18.22
CA ALA A 212 11.13 4.48 18.74
C ALA A 212 10.76 3.29 17.84
N PHE A 213 10.10 3.54 16.71
CA PHE A 213 9.63 2.45 15.87
C PHE A 213 9.33 2.95 14.44
N PHE A 214 10.27 2.74 13.53
CA PHE A 214 10.04 3.05 12.13
C PHE A 214 10.78 1.99 11.28
N GLY A 215 10.57 2.01 9.98
CA GLY A 215 11.25 1.04 9.14
C GLY A 215 10.81 1.07 7.69
N GLY A 216 11.14 0.02 6.96
CA GLY A 216 10.82 -0.03 5.53
C GLY A 216 11.77 -0.93 4.76
N SER A 217 11.79 -0.80 3.45
CA SER A 217 12.80 -1.48 2.66
C SER A 217 14.15 -0.89 3.04
N VAL A 218 15.22 -1.66 2.87
CA VAL A 218 16.54 -1.15 3.22
C VAL A 218 16.78 0.17 2.49
N GLN A 219 16.41 0.25 1.22
CA GLN A 219 16.70 1.45 0.43
C GLN A 219 15.97 2.69 0.97
N GLU A 220 14.71 2.55 1.35
CA GLU A 220 13.96 3.67 1.90
C GLU A 220 14.44 4.06 3.29
N VAL A 221 14.82 3.07 4.10
CA VAL A 221 15.34 3.35 5.42
C VAL A 221 16.71 4.04 5.30
N GLN A 222 17.53 3.59 4.36
CA GLN A 222 18.81 4.25 4.13
C GLN A 222 18.58 5.74 3.80
N ARG A 223 17.58 5.99 2.97
CA ARG A 223 17.26 7.35 2.54
C ARG A 223 16.71 8.21 3.66
N LEU A 224 15.87 7.61 4.50
CA LEU A 224 15.30 8.32 5.63
C LEU A 224 16.39 8.65 6.64
N THR A 225 17.20 7.66 7.01
CA THR A 225 18.20 7.86 8.05
C THR A 225 19.30 8.81 7.59
N ARG A 226 19.72 8.69 6.33
CA ARG A 226 20.66 9.65 5.76
C ARG A 226 20.08 11.06 5.78
N ALA A 227 18.83 11.22 5.34
CA ALA A 227 18.20 12.54 5.35
C ALA A 227 18.05 13.14 6.76
N CYS A 228 17.63 12.33 7.72
CA CYS A 228 17.51 12.83 9.08
C CYS A 228 18.86 13.24 9.65
N HIS A 229 19.89 12.42 9.40
CA HIS A 229 21.22 12.75 9.90
C HIS A 229 21.71 14.06 9.29
N GLN A 230 21.57 14.20 7.97
CA GLN A 230 22.00 15.41 7.29
C GLN A 230 21.29 16.64 7.83
N ALA A 231 19.99 16.51 8.10
CA ALA A 231 19.19 17.60 8.67
C ALA A 231 19.68 17.98 10.06
N MET A 232 20.02 16.98 10.86
CA MET A 232 20.55 17.25 12.20
C MET A 232 21.91 17.93 12.14
N MET A 233 22.72 17.57 11.17
CA MET A 233 24.03 18.20 10.99
C MET A 233 23.89 19.65 10.53
N VAL A 234 22.86 19.95 9.76
CA VAL A 234 22.59 21.32 9.33
C VAL A 234 22.16 22.14 10.55
N ASP A 235 21.25 21.58 11.33
CA ASP A 235 20.81 22.21 12.57
C ASP A 235 21.98 22.51 13.49
N GLN A 236 22.87 21.52 13.65
CA GLN A 236 24.05 21.69 14.52
C GLN A 236 24.94 22.83 14.03
N ALA A 237 25.20 22.85 12.73
CA ALA A 237 26.00 23.90 12.12
C ALA A 237 25.33 25.26 12.33
N ASN A 238 24.01 25.27 12.49
CA ASN A 238 23.26 26.50 12.74
C ASN A 238 23.03 26.74 14.24
N GLY A 239 23.70 25.94 15.07
CA GLY A 239 23.61 26.08 16.51
C GLY A 239 22.25 25.73 17.08
N ILE A 240 21.52 24.84 16.41
CA ILE A 240 20.17 24.48 16.79
C ILE A 240 20.07 23.00 17.12
N GLU A 241 19.31 22.66 18.16
CA GLU A 241 18.97 21.26 18.42
C GLU A 241 17.46 21.07 18.57
N ALA A 242 16.88 20.23 17.72
CA ALA A 242 15.44 20.03 17.70
C ALA A 242 14.90 19.50 19.03
N VAL A 243 13.70 19.97 19.39
CA VAL A 243 13.12 19.75 20.71
C VAL A 243 13.04 18.26 21.09
N TRP A 244 12.72 17.41 20.13
CA TRP A 244 12.72 15.98 20.41
C TRP A 244 13.71 15.21 19.54
N HIS A 245 14.80 15.90 19.21
CA HIS A 245 15.99 15.26 18.67
C HIS A 245 15.64 14.47 17.40
N ASP A 246 16.05 13.22 17.32
CA ASP A 246 15.84 12.46 16.08
C ASP A 246 14.38 12.32 15.72
N GLU A 247 13.52 12.22 16.74
CA GLU A 247 12.08 12.10 16.51
C GLU A 247 11.50 13.34 15.80
N SER A 248 12.05 14.52 16.08
CA SER A 248 11.57 15.73 15.42
C SER A 248 11.85 15.66 13.91
N HIS A 249 13.06 15.22 13.56
CA HIS A 249 13.46 15.08 12.16
C HIS A 249 12.76 13.92 11.44
N LEU A 250 12.52 12.84 12.18
CA LEU A 250 11.73 11.73 11.63
C LEU A 250 10.36 12.28 11.21
N ASN A 251 9.75 13.10 12.05
CA ASN A 251 8.44 13.66 11.74
C ASN A 251 8.44 14.61 10.55
N LYS A 252 9.47 15.46 10.47
CA LYS A 252 9.65 16.27 9.25
C LYS A 252 9.79 15.41 8.02
N TYR A 253 10.64 14.38 8.08
CA TYR A 253 10.82 13.52 6.92
C TYR A 253 9.52 12.85 6.46
N LEU A 254 8.77 12.29 7.40
CA LEU A 254 7.55 11.55 7.07
C LEU A 254 6.36 12.45 6.70
N LEU A 255 6.46 13.72 7.04
CA LEU A 255 5.46 14.69 6.63
C LEU A 255 5.60 14.93 5.13
N ARG A 256 6.84 14.95 4.66
CA ARG A 256 7.13 15.27 3.28
C ARG A 256 7.26 14.03 2.38
N HIS A 257 7.58 12.89 2.98
CA HIS A 257 7.65 11.60 2.28
C HIS A 257 6.66 10.67 2.96
N LYS A 258 5.42 10.59 2.46
CA LYS A 258 4.37 9.87 3.16
C LYS A 258 4.70 8.38 3.26
N PRO A 259 4.55 7.81 4.47
CA PRO A 259 4.79 6.38 4.63
C PRO A 259 3.71 5.55 3.92
N THR A 260 4.08 4.37 3.47
CA THR A 260 3.17 3.51 2.73
C THR A 260 2.36 2.60 3.66
N LYS A 261 2.76 2.54 4.91
CA LYS A 261 1.93 2.03 6.00
C LYS A 261 2.17 2.89 7.23
N VAL A 262 1.15 2.99 8.08
CA VAL A 262 1.34 3.57 9.42
C VAL A 262 0.88 2.53 10.44
N LEU A 263 1.69 2.32 11.47
CA LEU A 263 1.33 1.37 12.53
C LEU A 263 0.59 2.08 13.66
N SER A 264 -0.45 1.43 14.18
CA SER A 264 -1.22 1.99 15.29
C SER A 264 -0.40 1.89 16.58
N PRO A 265 -0.83 2.60 17.63
CA PRO A 265 -0.07 2.56 18.88
C PRO A 265 -0.07 1.18 19.53
N GLU A 266 -0.77 0.21 18.95
CA GLU A 266 -0.59 -1.19 19.35
C GLU A 266 0.89 -1.56 19.33
N TYR A 267 1.62 -0.96 18.40
CA TYR A 267 3.02 -1.31 18.12
C TYR A 267 4.02 -0.45 18.90
N LEU A 268 3.54 0.53 19.64
CA LEU A 268 4.41 1.38 20.47
C LEU A 268 3.63 1.94 21.65
N TRP A 269 3.73 1.28 22.79
CA TRP A 269 2.85 1.63 23.90
C TRP A 269 3.61 1.72 25.21
N ASP A 270 3.06 2.47 26.15
CA ASP A 270 3.55 2.52 27.53
C ASP A 270 2.34 2.36 28.46
N GLN A 271 2.18 1.15 28.98
CA GLN A 271 0.98 0.79 29.74
C GLN A 271 0.94 1.45 31.11
N GLN A 272 2.11 1.64 31.73
CA GLN A 272 2.17 2.30 33.02
CA GLN A 272 2.18 2.31 33.03
C GLN A 272 1.71 3.74 32.91
N LEU A 273 2.16 4.42 31.86
CA LEU A 273 1.86 5.82 31.66
C LEU A 273 0.46 6.06 31.11
N LEU A 274 0.03 5.20 30.19
CA LEU A 274 -1.19 5.48 29.44
C LEU A 274 -2.29 4.43 29.55
N GLY A 275 -2.10 3.47 30.45
CA GLY A 275 -3.14 2.47 30.67
C GLY A 275 -3.42 1.57 29.49
N TRP A 276 -4.69 1.33 29.19
CA TRP A 276 -5.06 0.40 28.14
C TRP A 276 -6.44 0.76 27.59
N PRO A 277 -6.51 1.77 26.70
CA PRO A 277 -7.73 2.26 26.05
C PRO A 277 -8.43 1.14 25.27
N ALA A 278 -9.75 1.20 25.19
CA ALA A 278 -10.54 0.21 24.46
C ALA A 278 -10.11 0.07 23.00
N VAL A 279 -9.56 1.15 22.45
N VAL A 279 -9.59 1.15 22.40
CA VAL A 279 -9.14 1.19 21.05
CA VAL A 279 -9.20 1.10 21.00
C VAL A 279 -7.96 0.27 20.75
C VAL A 279 -7.97 0.20 20.74
N LEU A 280 -7.27 -0.16 21.81
CA LEU A 280 -6.14 -1.07 21.67
C LEU A 280 -6.57 -2.48 22.06
N ARG A 281 -6.81 -3.32 21.06
CA ARG A 281 -7.23 -4.70 21.32
C ARG A 281 -6.02 -5.54 21.70
N LYS A 282 -4.83 -5.11 21.29
CA LYS A 282 -3.59 -5.79 21.63
C LYS A 282 -2.52 -4.78 22.02
N LEU A 283 -1.69 -5.12 22.99
CA LEU A 283 -0.48 -4.35 23.28
C LEU A 283 0.71 -5.18 22.79
N ARG A 284 1.31 -4.79 21.67
CA ARG A 284 2.32 -5.64 21.03
C ARG A 284 3.76 -5.38 21.44
N PHE A 285 4.10 -4.10 21.65
CA PHE A 285 5.50 -3.70 21.88
C PHE A 285 5.44 -2.54 22.83
N THR A 286 5.90 -2.78 24.07
CA THR A 286 5.63 -1.87 25.17
C THR A 286 6.87 -1.43 25.96
N ALA A 287 6.75 -0.25 26.56
CA ALA A 287 7.85 0.34 27.33
C ALA A 287 8.22 -0.48 28.55
N VAL A 288 9.52 -0.54 28.83
CA VAL A 288 10.04 -1.10 30.08
C VAL A 288 10.59 0.06 30.92
N PRO A 289 10.34 0.06 32.25
CA PRO A 289 10.90 1.10 33.13
C PRO A 289 12.39 1.37 32.86
N LYS A 290 12.81 2.64 32.80
CA LYS A 290 14.18 2.96 32.39
C LYS A 290 14.92 4.01 33.23
N ASN A 291 14.32 4.47 34.31
CA ASN A 291 14.95 5.51 35.12
C ASN A 291 16.28 5.09 35.77
N HIS A 292 16.49 3.79 35.91
CA HIS A 292 17.70 3.26 36.54
C HIS A 292 18.90 3.21 35.59
N GLN A 293 18.62 3.21 34.28
CA GLN A 293 19.68 3.16 33.28
C GLN A 293 20.08 4.57 32.82
N ALA A 294 19.50 5.57 33.47
CA ALA A 294 19.80 6.97 33.19
C ALA A 294 21.25 7.32 33.54
N VAL A 295 21.90 8.05 32.64
CA VAL A 295 23.25 8.55 32.88
C VAL A 295 23.27 10.07 32.70
N ARG A 296 23.72 10.77 33.74
CA ARG A 296 23.82 12.22 33.69
C ARG A 296 24.90 12.67 32.69
N ASN A 297 24.53 13.57 31.79
CA ASN A 297 25.45 14.06 30.77
C ASN A 297 26.79 14.52 31.34
N ALA B 2 7.19 8.14 -15.39
CA ALA B 2 7.89 6.96 -14.90
C ALA B 2 7.32 6.53 -13.56
N ILE B 3 7.60 5.29 -13.15
CA ILE B 3 7.26 4.86 -11.79
C ILE B 3 8.52 4.93 -10.92
N GLY B 4 8.58 5.93 -10.05
CA GLY B 4 9.75 6.15 -9.21
C GLY B 4 10.01 5.00 -8.24
N GLU B 5 11.28 4.68 -8.02
CA GLU B 5 11.61 3.57 -7.15
C GLU B 5 11.57 3.94 -5.66
N PHE B 6 11.59 5.24 -5.36
CA PHE B 6 11.56 5.69 -3.97
C PHE B 6 10.44 6.71 -3.69
N MET B 7 10.16 6.93 -2.41
CA MET B 7 9.24 7.99 -2.01
C MET B 7 9.66 9.33 -2.63
N VAL B 8 8.66 10.18 -2.89
CA VAL B 8 8.91 11.52 -3.41
C VAL B 8 8.76 12.56 -2.29
N SER B 9 9.43 13.70 -2.42
CA SER B 9 9.33 14.75 -1.42
C SER B 9 8.30 15.83 -1.78
N LEU B 10 7.29 15.97 -0.95
CA LEU B 10 6.20 16.91 -1.20
C LEU B 10 6.51 18.32 -0.71
N PRO B 11 5.91 19.34 -1.33
CA PRO B 11 6.02 20.71 -0.83
C PRO B 11 5.07 20.89 0.34
N ARG B 12 5.20 22.00 1.05
CA ARG B 12 4.22 22.37 2.07
C ARG B 12 2.82 22.33 1.49
N MET B 13 1.89 21.73 2.22
CA MET B 13 0.47 21.72 1.85
C MET B 13 -0.41 21.95 3.05
N VAL B 14 -1.49 22.71 2.85
CA VAL B 14 -2.49 22.92 3.89
C VAL B 14 -3.77 22.15 3.58
N TYR B 15 -4.12 21.22 4.46
CA TYR B 15 -5.34 20.41 4.31
C TYR B 15 -5.79 19.97 5.70
N PRO B 16 -7.04 19.51 5.82
CA PRO B 16 -7.57 19.04 7.10
C PRO B 16 -6.75 17.88 7.67
N GLN B 17 -6.45 17.94 8.96
CA GLN B 17 -5.73 16.85 9.61
C GLN B 17 -6.56 15.56 9.60
N PRO B 18 -5.95 14.42 9.20
CA PRO B 18 -6.69 13.16 9.33
C PRO B 18 -6.94 12.89 10.81
N LYS B 19 -8.10 12.36 11.16
CA LYS B 19 -8.41 12.15 12.57
C LYS B 19 -8.49 10.67 12.87
N VAL B 20 -7.57 10.21 13.73
CA VAL B 20 -7.37 8.80 13.99
C VAL B 20 -8.60 8.17 14.66
N LEU B 21 -9.30 8.97 15.46
CA LEU B 21 -10.43 8.44 16.25
C LEU B 21 -11.80 8.83 15.69
N THR B 22 -11.82 9.48 14.53
CA THR B 22 -13.09 9.80 13.89
C THR B 22 -13.08 9.59 12.37
N PRO B 23 -13.01 8.32 11.94
CA PRO B 23 -12.99 7.98 10.52
C PRO B 23 -14.23 8.49 9.79
N CYS B 24 -14.04 9.02 8.58
CA CYS B 24 -15.16 9.51 7.77
C CYS B 24 -16.09 8.36 7.33
N ARG B 25 -15.51 7.36 6.69
CA ARG B 25 -16.30 6.23 6.18
C ARG B 25 -16.39 5.10 7.20
N LYS B 26 -17.53 5.02 7.89
CA LYS B 26 -17.77 3.96 8.86
C LYS B 26 -18.78 2.94 8.35
N ASP B 27 -19.25 3.15 7.12
CA ASP B 27 -20.33 2.33 6.57
C ASP B 27 -19.84 1.25 5.61
N VAL B 28 -18.58 1.34 5.21
CA VAL B 28 -17.99 0.40 4.27
C VAL B 28 -16.61 -0.05 4.72
N LEU B 29 -16.19 -1.22 4.26
CA LEU B 29 -14.84 -1.69 4.45
C LEU B 29 -13.93 -0.89 3.53
N VAL B 30 -12.89 -0.28 4.10
CA VAL B 30 -11.99 0.57 3.32
C VAL B 30 -10.58 -0.03 3.16
N VAL B 31 -10.37 -1.22 3.72
CA VAL B 31 -9.12 -1.94 3.55
CA VAL B 31 -9.11 -1.94 3.57
C VAL B 31 -9.38 -3.45 3.49
N THR B 32 -8.68 -4.14 2.59
CA THR B 32 -8.83 -5.59 2.45
C THR B 32 -8.02 -6.30 3.55
N PRO B 33 -8.27 -7.61 3.74
CA PRO B 33 -7.50 -8.31 4.77
C PRO B 33 -6.03 -8.51 4.38
N TRP B 34 -5.67 -8.21 3.14
CA TRP B 34 -4.25 -8.16 2.79
C TRP B 34 -3.71 -6.73 2.78
N LEU B 35 -4.49 -5.83 3.38
CA LEU B 35 -4.06 -4.44 3.61
C LEU B 35 -3.94 -3.61 2.34
N ALA B 36 -4.79 -3.91 1.36
CA ALA B 36 -4.92 -3.08 0.18
C ALA B 36 -6.10 -2.12 0.42
N PRO B 37 -5.91 -0.83 0.12
CA PRO B 37 -7.00 0.13 0.27
C PRO B 37 -8.17 -0.23 -0.64
N ILE B 38 -9.39 -0.01 -0.17
CA ILE B 38 -10.59 -0.09 -1.01
C ILE B 38 -11.05 1.35 -1.22
N VAL B 39 -11.08 1.78 -2.49
CA VAL B 39 -11.16 3.21 -2.78
C VAL B 39 -12.59 3.72 -2.84
N TRP B 40 -12.98 4.45 -1.80
CA TRP B 40 -14.27 5.14 -1.78
C TRP B 40 -14.05 6.64 -1.62
N GLU B 41 -15.03 7.43 -2.05
CA GLU B 41 -15.02 8.85 -1.73
C GLU B 41 -14.96 9.03 -0.20
N GLY B 42 -14.07 9.90 0.24
CA GLY B 42 -13.89 10.16 1.66
C GLY B 42 -12.66 9.47 2.24
N THR B 43 -12.09 8.54 1.49
CA THR B 43 -10.89 7.84 1.95
C THR B 43 -9.59 8.47 1.46
N PHE B 44 -9.65 9.34 0.47
CA PHE B 44 -8.42 9.93 -0.07
C PHE B 44 -8.46 11.44 -0.19
N ASN B 45 -7.29 12.05 -0.09
CA ASN B 45 -7.10 13.47 -0.38
C ASN B 45 -6.45 13.56 -1.76
N ILE B 46 -7.19 14.03 -2.74
CA ILE B 46 -6.74 13.95 -4.12
C ILE B 46 -5.59 14.93 -4.37
N ASP B 47 -5.52 15.99 -3.56
CA ASP B 47 -4.43 16.95 -3.68
C ASP B 47 -3.08 16.32 -3.32
N ILE B 48 -3.06 15.53 -2.26
CA ILE B 48 -1.83 14.85 -1.86
C ILE B 48 -1.46 13.82 -2.91
N LEU B 49 -2.43 13.02 -3.34
CA LEU B 49 -2.16 12.00 -4.35
C LEU B 49 -1.73 12.61 -5.70
N ASN B 50 -2.38 13.69 -6.12
CA ASN B 50 -1.97 14.38 -7.35
C ASN B 50 -0.53 14.88 -7.29
N GLU B 51 -0.12 15.41 -6.15
CA GLU B 51 1.26 15.87 -5.99
C GLU B 51 2.22 14.70 -6.12
N GLN B 52 1.89 13.57 -5.47
CA GLN B 52 2.77 12.41 -5.49
C GLN B 52 3.02 11.91 -6.91
N PHE B 53 1.94 11.79 -7.69
CA PHE B 53 2.01 11.22 -9.03
C PHE B 53 2.54 12.19 -10.10
N ARG B 54 2.16 13.47 -10.00
CA ARG B 54 2.70 14.47 -10.92
C ARG B 54 4.21 14.59 -10.80
N LEU B 55 4.70 14.48 -9.56
CA LEU B 55 6.14 14.57 -9.30
C LEU B 55 6.91 13.43 -9.95
N GLN B 56 6.22 12.35 -10.30
CA GLN B 56 6.85 11.25 -11.02
C GLN B 56 6.62 11.35 -12.52
N ASN B 57 5.98 12.43 -12.97
CA ASN B 57 5.54 12.56 -14.36
C ASN B 57 4.83 11.31 -14.86
N THR B 58 3.78 10.92 -14.14
CA THR B 58 3.07 9.68 -14.44
C THR B 58 2.35 9.74 -15.78
N THR B 59 2.57 8.73 -16.63
CA THR B 59 1.76 8.57 -17.84
C THR B 59 0.81 7.38 -17.67
N ILE B 60 -0.47 7.61 -17.94
CA ILE B 60 -1.48 6.56 -17.82
C ILE B 60 -2.06 6.16 -19.17
N GLY B 61 -2.04 4.87 -19.45
CA GLY B 61 -2.67 4.36 -20.65
C GLY B 61 -4.07 3.86 -20.37
N LEU B 62 -4.97 4.08 -21.32
CA LEU B 62 -6.34 3.62 -21.16
C LEU B 62 -6.74 2.86 -22.41
N THR B 63 -7.05 1.57 -22.24
CA THR B 63 -7.44 0.73 -23.36
C THR B 63 -8.95 0.60 -23.40
N VAL B 64 -9.47 0.57 -24.61
CA VAL B 64 -10.89 0.41 -24.78
C VAL B 64 -11.13 -0.22 -26.15
N PHE B 65 -12.04 -1.18 -26.19
CA PHE B 65 -12.38 -1.87 -27.43
C PHE B 65 -13.70 -1.38 -27.99
N ALA B 66 -13.68 -1.00 -29.26
CA ALA B 66 -14.87 -0.55 -29.95
C ALA B 66 -14.96 -1.30 -31.27
N ILE B 67 -15.49 -2.53 -31.17
CA ILE B 67 -15.56 -3.45 -32.27
C ILE B 67 -16.98 -3.56 -32.80
N LYS B 68 -17.11 -3.59 -34.12
CA LYS B 68 -18.41 -3.61 -34.80
C LYS B 68 -19.29 -2.41 -34.40
N LYS B 69 -20.50 -2.66 -33.91
CA LYS B 69 -21.42 -1.55 -33.63
C LYS B 69 -21.03 -0.73 -32.40
N TYR B 70 -20.11 -1.23 -31.57
CA TYR B 70 -19.73 -0.49 -30.37
C TYR B 70 -18.88 0.74 -30.65
N VAL B 71 -18.52 0.97 -31.92
CA VAL B 71 -17.84 2.22 -32.24
C VAL B 71 -18.75 3.40 -31.89
N ALA B 72 -20.06 3.15 -31.85
CA ALA B 72 -21.04 4.19 -31.52
C ALA B 72 -20.87 4.76 -30.11
N PHE B 73 -20.23 3.98 -29.22
CA PHE B 73 -20.03 4.41 -27.84
C PHE B 73 -18.81 5.32 -27.66
N LEU B 74 -17.98 5.43 -28.70
CA LEU B 74 -16.69 6.11 -28.55
C LEU B 74 -16.79 7.59 -28.27
N LYS B 75 -17.69 8.29 -28.97
CA LYS B 75 -17.78 9.75 -28.83
C LYS B 75 -18.00 10.17 -27.39
N LEU B 76 -19.04 9.62 -26.75
CA LEU B 76 -19.35 9.95 -25.35
C LEU B 76 -18.25 9.48 -24.40
N PHE B 77 -17.77 8.26 -24.63
CA PHE B 77 -16.73 7.71 -23.78
C PHE B 77 -15.52 8.65 -23.72
N LEU B 78 -15.04 9.05 -24.91
CA LEU B 78 -13.84 9.87 -25.01
C LEU B 78 -14.06 11.30 -24.52
N GLU B 79 -15.21 11.88 -24.89
CA GLU B 79 -15.54 13.24 -24.48
C GLU B 79 -15.67 13.35 -22.96
N THR B 80 -16.27 12.35 -22.33
CA THR B 80 -16.40 12.37 -20.86
C THR B 80 -15.10 12.00 -20.15
N ALA B 81 -14.29 11.13 -20.76
CA ALA B 81 -12.95 10.85 -20.22
C ALA B 81 -12.12 12.11 -20.18
N GLU B 82 -12.29 12.97 -21.19
CA GLU B 82 -11.56 14.21 -21.24
C GLU B 82 -11.90 15.12 -20.06
N LYS B 83 -13.12 15.02 -19.57
CA LYS B 83 -13.55 15.85 -18.45
C LYS B 83 -13.17 15.27 -17.09
N HIS B 84 -13.06 13.94 -17.02
CA HIS B 84 -13.02 13.28 -15.70
C HIS B 84 -11.83 12.34 -15.44
N PHE B 85 -11.16 11.88 -16.49
CA PHE B 85 -10.14 10.83 -16.33
C PHE B 85 -8.72 11.39 -16.27
N MET B 86 -8.08 11.25 -15.11
CA MET B 86 -6.70 11.67 -14.93
C MET B 86 -6.41 13.09 -15.43
N VAL B 87 -7.33 14.02 -15.24
CA VAL B 87 -7.09 15.38 -15.71
C VAL B 87 -5.89 15.98 -14.97
N GLY B 88 -4.97 16.58 -15.70
CA GLY B 88 -3.75 17.15 -15.15
C GLY B 88 -2.54 16.26 -15.39
N HIS B 89 -2.81 15.02 -15.75
CA HIS B 89 -1.75 14.03 -15.94
C HIS B 89 -1.62 13.65 -17.41
N ARG B 90 -0.53 12.98 -17.76
CA ARG B 90 -0.36 12.49 -19.14
C ARG B 90 -1.22 11.25 -19.39
N VAL B 91 -2.00 11.29 -20.46
CA VAL B 91 -2.88 10.18 -20.81
C VAL B 91 -2.66 9.74 -22.25
N HIS B 92 -2.56 8.43 -22.44
CA HIS B 92 -2.49 7.87 -23.78
C HIS B 92 -3.66 6.92 -23.94
N TYR B 93 -4.64 7.30 -24.77
CA TYR B 93 -5.77 6.43 -25.05
C TYR B 93 -5.35 5.43 -26.12
N TYR B 94 -5.70 4.16 -25.91
CA TYR B 94 -5.54 3.14 -26.92
C TYR B 94 -6.90 2.58 -27.34
N VAL B 95 -7.33 2.95 -28.54
CA VAL B 95 -8.62 2.51 -29.03
C VAL B 95 -8.46 1.32 -29.97
N PHE B 96 -8.92 0.16 -29.51
CA PHE B 96 -8.89 -1.04 -30.34
C PHE B 96 -10.17 -1.13 -31.17
N THR B 97 -10.05 -1.20 -32.49
CA THR B 97 -11.24 -1.24 -33.33
C THR B 97 -11.04 -1.98 -34.64
N ASP B 98 -12.14 -2.46 -35.23
CA ASP B 98 -12.07 -3.04 -36.55
C ASP B 98 -12.38 -1.99 -37.61
N GLN B 99 -12.71 -0.77 -37.16
CA GLN B 99 -13.08 0.31 -38.06
C GLN B 99 -12.35 1.61 -37.73
N PRO B 100 -11.07 1.71 -38.09
CA PRO B 100 -10.30 2.93 -37.77
C PRO B 100 -11.00 4.19 -38.28
N ALA B 101 -11.52 4.14 -39.49
CA ALA B 101 -12.19 5.30 -40.08
C ALA B 101 -13.42 5.77 -39.28
N ALA B 102 -13.95 4.91 -38.42
CA ALA B 102 -15.16 5.22 -37.64
C ALA B 102 -14.89 5.81 -36.26
N VAL B 103 -13.63 5.95 -35.90
CA VAL B 103 -13.27 6.56 -34.62
C VAL B 103 -13.57 8.05 -34.72
N PRO B 104 -14.40 8.57 -33.80
CA PRO B 104 -14.77 9.99 -33.83
C PRO B 104 -13.59 10.92 -33.56
N ARG B 105 -13.61 12.09 -34.19
CA ARG B 105 -12.59 13.11 -33.94
C ARG B 105 -12.94 13.80 -32.62
N VAL B 106 -12.17 13.49 -31.59
CA VAL B 106 -12.42 14.10 -30.29
C VAL B 106 -11.27 15.03 -29.96
N THR B 107 -11.60 16.22 -29.48
CA THR B 107 -10.58 17.22 -29.16
C THR B 107 -10.02 16.88 -27.79
N LEU B 108 -8.69 16.81 -27.70
CA LEU B 108 -8.02 16.39 -26.48
C LEU B 108 -7.33 17.56 -25.78
N GLY B 109 -7.28 17.49 -24.45
CA GLY B 109 -6.57 18.48 -23.67
C GLY B 109 -5.08 18.26 -23.79
N THR B 110 -4.30 19.24 -23.35
CA THR B 110 -2.85 19.19 -23.47
C THR B 110 -2.28 18.00 -22.70
N GLY B 111 -1.27 17.34 -23.27
CA GLY B 111 -0.64 16.21 -22.60
C GLY B 111 -1.38 14.90 -22.78
N ARG B 112 -2.36 14.91 -23.69
CA ARG B 112 -3.20 13.73 -23.90
C ARG B 112 -3.18 13.32 -25.37
N GLN B 113 -3.06 12.02 -25.62
CA GLN B 113 -2.99 11.55 -27.02
C GLN B 113 -3.80 10.27 -27.20
N LEU B 114 -4.16 10.00 -28.45
CA LEU B 114 -4.95 8.82 -28.78
C LEU B 114 -4.29 8.03 -29.91
N SER B 115 -4.18 6.72 -29.71
CA SER B 115 -3.68 5.85 -30.77
C SER B 115 -4.79 4.89 -31.16
N VAL B 116 -4.97 4.67 -32.46
CA VAL B 116 -5.97 3.72 -32.93
C VAL B 116 -5.29 2.41 -33.33
N LEU B 117 -5.72 1.31 -32.73
CA LEU B 117 -5.14 0.01 -33.04
C LEU B 117 -6.13 -0.85 -33.80
N GLU B 118 -5.81 -1.20 -35.05
CA GLU B 118 -6.73 -2.00 -35.85
C GLU B 118 -6.62 -3.48 -35.48
N VAL B 119 -7.76 -4.07 -35.10
CA VAL B 119 -7.78 -5.47 -34.69
C VAL B 119 -8.91 -6.23 -35.33
N ARG B 120 -8.85 -7.56 -35.24
CA ARG B 120 -9.88 -8.43 -35.80
C ARG B 120 -11.20 -8.32 -35.04
N ALA B 121 -12.30 -8.47 -35.77
CA ALA B 121 -13.62 -8.58 -35.14
C ALA B 121 -14.07 -10.03 -35.14
N TYR B 122 -14.15 -10.62 -33.94
CA TYR B 122 -14.66 -11.98 -33.79
C TYR B 122 -16.18 -12.01 -33.96
N LYS B 123 -16.71 -13.15 -34.39
CA LYS B 123 -18.14 -13.26 -34.70
C LYS B 123 -19.01 -13.27 -33.44
N ARG B 124 -18.63 -14.09 -32.46
CA ARG B 124 -19.37 -14.21 -31.21
C ARG B 124 -19.02 -13.08 -30.26
N TRP B 125 -20.03 -12.45 -29.68
CA TRP B 125 -19.77 -11.35 -28.76
C TRP B 125 -18.92 -11.82 -27.57
N GLN B 126 -19.05 -13.08 -27.20
CA GLN B 126 -18.25 -13.64 -26.11
C GLN B 126 -16.77 -13.63 -26.49
N ASP B 127 -16.49 -13.97 -27.74
CA ASP B 127 -15.11 -13.96 -28.21
C ASP B 127 -14.54 -12.55 -28.32
N VAL B 128 -15.34 -11.61 -28.82
CA VAL B 128 -14.94 -10.20 -28.79
C VAL B 128 -14.52 -9.79 -27.37
N SER B 129 -15.36 -10.12 -26.39
CA SER B 129 -15.09 -9.76 -25.00
C SER B 129 -13.86 -10.47 -24.43
N MET B 130 -13.80 -11.78 -24.62
CA MET B 130 -12.70 -12.58 -24.08
C MET B 130 -11.34 -12.30 -24.74
N ARG B 131 -11.35 -12.05 -26.05
CA ARG B 131 -10.09 -11.87 -26.77
C ARG B 131 -9.41 -10.56 -26.44
N ARG B 132 -10.12 -9.69 -25.71
CA ARG B 132 -9.49 -8.50 -25.19
C ARG B 132 -8.25 -8.84 -24.37
N MET B 133 -8.31 -9.93 -23.60
CA MET B 133 -7.17 -10.34 -22.79
C MET B 133 -5.96 -10.63 -23.67
N GLU B 134 -6.18 -11.37 -24.75
CA GLU B 134 -5.09 -11.65 -25.68
C GLU B 134 -4.53 -10.38 -26.32
N MET B 135 -5.42 -9.51 -26.75
CA MET B 135 -5.01 -8.31 -27.46
C MET B 135 -4.26 -7.33 -26.54
N ILE B 136 -4.71 -7.23 -25.30
CA ILE B 136 -4.04 -6.36 -24.33
C ILE B 136 -2.65 -6.90 -24.03
N SER B 137 -2.57 -8.20 -23.77
CA SER B 137 -1.30 -8.82 -23.43
CA SER B 137 -1.30 -8.85 -23.44
C SER B 137 -0.28 -8.68 -24.56
N ASP B 138 -0.75 -8.83 -25.80
CA ASP B 138 0.11 -8.68 -26.97
CA ASP B 138 0.11 -8.68 -26.97
C ASP B 138 0.66 -7.26 -27.07
N PHE B 139 -0.21 -6.29 -26.83
CA PHE B 139 0.16 -4.88 -26.90
C PHE B 139 0.89 -4.35 -25.66
N CYS B 140 0.80 -5.07 -24.53
CA CYS B 140 1.64 -4.74 -23.38
C CYS B 140 3.11 -4.89 -23.77
N GLU B 141 3.37 -5.89 -24.60
CA GLU B 141 4.71 -6.15 -25.08
C GLU B 141 4.99 -5.17 -26.22
N ARG B 142 4.19 -5.24 -27.27
CA ARG B 142 4.38 -4.43 -28.46
C ARG B 142 4.64 -2.94 -28.19
N ARG B 143 3.87 -2.37 -27.26
CA ARG B 143 3.82 -0.92 -27.15
C ARG B 143 3.87 -0.36 -25.72
N PHE B 144 2.96 -0.84 -24.89
CA PHE B 144 2.69 -0.20 -23.61
C PHE B 144 3.92 -0.13 -22.71
N LEU B 145 4.74 -1.17 -22.75
CA LEU B 145 5.89 -1.22 -21.86
C LEU B 145 6.85 -0.04 -22.07
N SER B 146 6.97 0.42 -23.31
CA SER B 146 7.84 1.56 -23.63
C SER B 146 7.10 2.91 -23.67
N GLU B 147 5.80 2.92 -23.40
CA GLU B 147 5.00 4.13 -23.64
C GLU B 147 4.26 4.71 -22.41
N VAL B 148 3.82 3.84 -21.51
CA VAL B 148 3.04 4.28 -20.36
C VAL B 148 3.55 3.64 -19.07
N ASP B 149 3.16 4.22 -17.93
CA ASP B 149 3.58 3.71 -16.63
C ASP B 149 2.53 2.76 -16.06
N TYR B 150 1.27 3.11 -16.29
CA TYR B 150 0.14 2.33 -15.79
C TYR B 150 -0.80 2.10 -16.95
N LEU B 151 -1.59 1.03 -16.86
CA LEU B 151 -2.64 0.73 -17.82
C LEU B 151 -3.98 0.59 -17.12
N VAL B 152 -5.02 1.17 -17.71
CA VAL B 152 -6.36 1.05 -17.18
C VAL B 152 -7.21 0.46 -18.32
N CYS B 153 -7.85 -0.68 -18.04
CA CYS B 153 -8.57 -1.44 -19.05
C CYS B 153 -10.06 -1.47 -18.75
N VAL B 154 -10.87 -0.86 -19.62
CA VAL B 154 -12.30 -0.68 -19.36
C VAL B 154 -13.20 -1.04 -20.54
N ASP B 155 -14.49 -1.21 -20.25
CA ASP B 155 -15.55 -1.38 -21.25
C ASP B 155 -15.79 -0.04 -21.94
N VAL B 156 -16.31 -0.09 -23.16
CA VAL B 156 -16.56 1.14 -23.94
C VAL B 156 -17.98 1.67 -23.76
N ASP B 157 -18.91 0.79 -23.40
CA ASP B 157 -20.33 1.14 -23.29
C ASP B 157 -20.59 1.89 -21.99
N MET B 158 -19.83 2.95 -21.77
CA MET B 158 -19.78 3.62 -20.48
C MET B 158 -19.55 5.09 -20.69
N GLU B 159 -19.77 5.88 -19.64
CA GLU B 159 -19.39 7.27 -19.64
C GLU B 159 -18.86 7.64 -18.27
N PHE B 160 -17.97 8.63 -18.23
CA PHE B 160 -17.52 9.20 -16.97
C PHE B 160 -18.48 10.30 -16.53
N ARG B 161 -18.85 10.29 -15.26
CA ARG B 161 -19.71 11.33 -14.72
C ARG B 161 -19.00 12.12 -13.64
N ASP B 162 -17.90 11.57 -13.14
CA ASP B 162 -17.23 12.22 -12.04
C ASP B 162 -15.78 11.77 -12.04
N HIS B 163 -15.03 12.32 -11.08
CA HIS B 163 -13.58 12.17 -11.02
C HIS B 163 -13.13 10.70 -11.00
N VAL B 164 -12.25 10.34 -11.93
CA VAL B 164 -11.51 9.09 -11.86
C VAL B 164 -10.03 9.44 -12.07
N GLY B 165 -9.26 9.39 -10.99
CA GLY B 165 -7.92 9.94 -10.97
C GLY B 165 -6.85 9.01 -10.45
N VAL B 166 -5.73 9.57 -10.04
CA VAL B 166 -4.55 8.77 -9.68
C VAL B 166 -4.73 7.93 -8.42
N GLU B 167 -5.80 8.21 -7.67
CA GLU B 167 -6.17 7.40 -6.52
C GLU B 167 -6.33 5.93 -6.86
N ILE B 168 -6.60 5.61 -8.13
CA ILE B 168 -6.73 4.20 -8.51
C ILE B 168 -5.40 3.52 -8.82
N LEU B 169 -4.35 4.31 -9.07
CA LEU B 169 -3.10 3.75 -9.60
C LEU B 169 -2.31 3.00 -8.53
N THR B 170 -1.74 1.86 -8.93
CA THR B 170 -1.14 0.91 -8.01
C THR B 170 -0.63 -0.24 -8.87
N PRO B 171 0.22 -1.12 -8.33
CA PRO B 171 0.70 -2.19 -9.21
C PRO B 171 -0.41 -3.08 -9.80
N LEU B 172 -1.45 -3.39 -9.04
CA LEU B 172 -2.51 -4.22 -9.60
C LEU B 172 -3.84 -3.90 -8.92
N PHE B 173 -4.83 -3.46 -9.69
CA PHE B 173 -6.16 -3.23 -9.11
C PHE B 173 -7.32 -3.96 -9.83
N GLY B 174 -8.32 -4.32 -9.05
CA GLY B 174 -9.60 -4.77 -9.56
C GLY B 174 -10.70 -3.87 -9.01
N THR B 175 -11.92 -4.03 -9.51
CA THR B 175 -13.04 -3.15 -9.14
C THR B 175 -14.22 -4.01 -8.67
N LEU B 176 -14.84 -3.65 -7.55
CA LEU B 176 -16.02 -4.36 -7.07
C LEU B 176 -17.18 -4.25 -8.06
N HIS B 177 -17.63 -5.39 -8.58
CA HIS B 177 -18.77 -5.46 -9.50
C HIS B 177 -19.98 -4.83 -8.81
N PRO B 178 -20.70 -3.98 -9.54
CA PRO B 178 -21.81 -3.26 -8.91
C PRO B 178 -22.98 -4.16 -8.46
N GLY B 179 -23.16 -5.30 -9.11
CA GLY B 179 -24.28 -6.18 -8.78
C GLY B 179 -24.07 -7.03 -7.53
N PHE B 180 -22.85 -7.08 -7.01
CA PHE B 180 -22.52 -8.12 -6.04
C PHE B 180 -21.69 -7.67 -4.84
N TYR B 181 -21.46 -6.37 -4.68
CA TYR B 181 -20.58 -5.90 -3.62
C TYR B 181 -21.12 -6.27 -2.23
N GLY B 182 -22.44 -6.39 -2.10
CA GLY B 182 -23.06 -6.75 -0.84
C GLY B 182 -23.38 -8.23 -0.70
N SER B 183 -22.92 -9.03 -1.65
CA SER B 183 -23.24 -10.45 -1.68
C SER B 183 -22.27 -11.34 -0.89
N SER B 184 -22.75 -12.50 -0.46
CA SER B 184 -21.87 -13.47 0.20
C SER B 184 -21.19 -14.28 -0.88
N ARG B 185 -20.03 -14.83 -0.58
CA ARG B 185 -19.20 -15.50 -1.59
C ARG B 185 -19.90 -16.70 -2.26
N GLU B 186 -20.76 -17.41 -1.55
CA GLU B 186 -21.43 -18.55 -2.17
C GLU B 186 -22.42 -18.08 -3.23
N ALA B 187 -22.80 -16.81 -3.19
CA ALA B 187 -23.74 -16.27 -4.16
C ALA B 187 -23.03 -15.71 -5.40
N PHE B 188 -21.73 -15.44 -5.28
CA PHE B 188 -20.95 -14.94 -6.41
C PHE B 188 -21.10 -15.87 -7.62
N THR B 189 -21.17 -15.29 -8.81
CA THR B 189 -21.28 -16.07 -10.03
C THR B 189 -19.91 -16.44 -10.61
N TYR B 190 -19.00 -16.85 -9.73
CA TYR B 190 -17.74 -17.43 -10.17
C TYR B 190 -18.04 -18.65 -11.03
N GLU B 191 -17.07 -19.07 -11.84
CA GLU B 191 -17.16 -20.37 -12.49
C GLU B 191 -17.12 -21.49 -11.43
N ARG B 192 -18.10 -22.39 -11.46
CA ARG B 192 -18.20 -23.43 -10.44
C ARG B 192 -17.89 -24.84 -10.96
N ARG B 193 -17.59 -24.98 -12.24
CA ARG B 193 -17.20 -26.30 -12.77
C ARG B 193 -15.70 -26.52 -12.56
N PRO B 194 -15.33 -27.58 -11.83
CA PRO B 194 -13.91 -27.87 -11.62
C PRO B 194 -13.16 -28.14 -12.92
N GLN B 195 -13.90 -28.43 -14.00
CA GLN B 195 -13.29 -28.71 -15.30
C GLN B 195 -12.74 -27.45 -15.97
N SER B 196 -13.14 -26.28 -15.46
CA SER B 196 -12.67 -25.02 -15.99
C SER B 196 -11.50 -24.48 -15.18
N GLN B 197 -10.56 -23.83 -15.87
CA GLN B 197 -9.41 -23.19 -15.22
C GLN B 197 -9.84 -22.03 -14.32
N ALA B 198 -11.03 -21.51 -14.55
CA ALA B 198 -11.58 -20.38 -13.78
C ALA B 198 -12.32 -20.82 -12.52
N TYR B 199 -12.34 -22.13 -12.29
CA TYR B 199 -12.99 -22.74 -11.13
C TYR B 199 -12.62 -22.10 -9.81
N ILE B 200 -13.65 -21.75 -9.03
CA ILE B 200 -13.48 -21.31 -7.66
C ILE B 200 -14.58 -21.96 -6.85
N PRO B 201 -14.20 -22.77 -5.85
CA PRO B 201 -15.18 -23.46 -5.01
C PRO B 201 -15.93 -22.51 -4.09
N LYS B 202 -17.04 -22.97 -3.54
CA LYS B 202 -17.95 -22.12 -2.76
C LYS B 202 -17.36 -21.57 -1.47
N ASP B 203 -16.27 -22.17 -0.97
CA ASP B 203 -15.65 -21.68 0.26
C ASP B 203 -14.45 -20.77 0.03
N GLU B 204 -14.18 -20.42 -1.23
CA GLU B 204 -13.11 -19.47 -1.53
C GLU B 204 -13.68 -18.20 -2.17
N GLY B 205 -12.90 -17.12 -2.14
CA GLY B 205 -13.31 -15.89 -2.79
C GLY B 205 -13.35 -14.74 -1.81
N ASP B 206 -12.78 -13.60 -2.22
CA ASP B 206 -12.83 -12.39 -1.41
C ASP B 206 -13.97 -11.50 -1.90
N PHE B 207 -13.92 -11.16 -3.19
CA PHE B 207 -14.88 -10.28 -3.84
C PHE B 207 -15.24 -10.81 -5.21
N TYR B 208 -16.31 -10.26 -5.78
CA TYR B 208 -16.58 -10.46 -7.20
C TYR B 208 -16.16 -9.20 -7.97
N TYR B 209 -15.06 -9.31 -8.71
CA TYR B 209 -14.52 -8.17 -9.45
C TYR B 209 -15.18 -8.10 -10.81
N GLY B 210 -15.39 -6.88 -11.31
CA GLY B 210 -16.02 -6.73 -12.61
C GLY B 210 -14.98 -6.72 -13.71
N GLY B 211 -15.27 -7.44 -14.79
CA GLY B 211 -14.40 -7.46 -15.95
C GLY B 211 -14.29 -6.16 -16.71
N ALA B 212 -15.18 -5.23 -16.41
CA ALA B 212 -15.24 -3.96 -17.14
C ALA B 212 -14.27 -2.86 -16.66
N PHE B 213 -13.49 -3.15 -15.62
CA PHE B 213 -12.59 -2.12 -15.07
C PHE B 213 -11.48 -2.76 -14.20
N PHE B 214 -10.28 -2.87 -14.78
CA PHE B 214 -9.13 -3.35 -14.03
C PHE B 214 -7.89 -2.68 -14.57
N GLY B 215 -6.75 -2.85 -13.90
CA GLY B 215 -5.51 -2.28 -14.41
C GLY B 215 -4.35 -2.44 -13.44
N GLY B 216 -3.33 -1.60 -13.60
CA GLY B 216 -2.17 -1.66 -12.72
C GLY B 216 -0.93 -1.21 -13.49
N SER B 217 0.25 -1.59 -13.02
CA SER B 217 1.46 -1.30 -13.78
C SER B 217 1.42 -2.09 -15.09
N VAL B 218 2.15 -1.64 -16.10
CA VAL B 218 2.15 -2.36 -17.37
C VAL B 218 2.57 -3.82 -17.17
N GLN B 219 3.59 -4.04 -16.36
CA GLN B 219 4.06 -5.42 -16.16
C GLN B 219 3.05 -6.32 -15.44
N GLU B 220 2.34 -5.77 -14.44
CA GLU B 220 1.30 -6.57 -13.78
C GLU B 220 0.09 -6.82 -14.68
N VAL B 221 -0.25 -5.84 -15.52
CA VAL B 221 -1.39 -6.01 -16.42
C VAL B 221 -1.05 -7.01 -17.54
N GLN B 222 0.17 -6.93 -18.04
CA GLN B 222 0.67 -7.91 -19.00
C GLN B 222 0.57 -9.34 -18.43
N ARG B 223 1.00 -9.53 -17.19
CA ARG B 223 0.95 -10.85 -16.54
C ARG B 223 -0.48 -11.36 -16.36
N LEU B 224 -1.36 -10.47 -15.91
CA LEU B 224 -2.76 -10.80 -15.71
C LEU B 224 -3.43 -11.18 -17.02
N THR B 225 -3.29 -10.33 -18.03
CA THR B 225 -3.98 -10.56 -19.29
C THR B 225 -3.44 -11.82 -19.99
N ARG B 226 -2.12 -12.00 -20.00
CA ARG B 226 -1.54 -13.23 -20.53
C ARG B 226 -2.06 -14.48 -19.79
N ALA B 227 -2.09 -14.41 -18.46
CA ALA B 227 -2.58 -15.52 -17.66
C ALA B 227 -4.04 -15.85 -18.00
N CYS B 228 -4.89 -14.83 -18.06
CA CYS B 228 -6.30 -15.05 -18.39
C CYS B 228 -6.50 -15.64 -19.77
N HIS B 229 -5.75 -15.13 -20.75
CA HIS B 229 -5.84 -15.64 -22.11
C HIS B 229 -5.39 -17.10 -22.18
N GLN B 230 -4.26 -17.41 -21.58
CA GLN B 230 -3.76 -18.79 -21.53
C GLN B 230 -4.76 -19.73 -20.89
N ALA B 231 -5.38 -19.32 -19.80
CA ALA B 231 -6.39 -20.15 -19.14
C ALA B 231 -7.64 -20.32 -20.01
N MET B 232 -7.98 -19.29 -20.77
CA MET B 232 -9.13 -19.40 -21.66
C MET B 232 -8.86 -20.36 -22.81
N MET B 233 -7.61 -20.39 -23.26
CA MET B 233 -7.22 -21.29 -24.33
C MET B 233 -7.22 -22.74 -23.85
N VAL B 234 -6.84 -22.96 -22.60
CA VAL B 234 -6.88 -24.31 -22.03
C VAL B 234 -8.33 -24.78 -21.97
N ASP B 235 -9.21 -23.94 -21.45
CA ASP B 235 -10.64 -24.21 -21.42
C ASP B 235 -11.19 -24.54 -22.80
N GLN B 236 -10.83 -23.72 -23.79
CA GLN B 236 -11.27 -23.96 -25.15
C GLN B 236 -10.83 -25.34 -25.66
N ALA B 237 -9.59 -25.70 -25.40
CA ALA B 237 -9.09 -27.01 -25.78
C ALA B 237 -9.88 -28.14 -25.12
N ASN B 238 -10.38 -27.87 -23.91
CA ASN B 238 -11.11 -28.86 -23.12
C ASN B 238 -12.61 -28.79 -23.33
N GLY B 239 -13.03 -28.05 -24.35
CA GLY B 239 -14.44 -27.95 -24.70
C GLY B 239 -15.30 -27.22 -23.70
N ILE B 240 -14.71 -26.28 -22.97
CA ILE B 240 -15.47 -25.53 -21.96
C ILE B 240 -15.26 -24.03 -22.10
N GLU B 241 -16.34 -23.27 -21.89
CA GLU B 241 -16.28 -21.81 -21.89
C GLU B 241 -16.86 -21.30 -20.56
N ALA B 242 -16.09 -20.49 -19.83
CA ALA B 242 -16.48 -20.08 -18.49
C ALA B 242 -17.81 -19.32 -18.50
N VAL B 243 -18.58 -19.47 -17.42
CA VAL B 243 -19.92 -18.90 -17.34
C VAL B 243 -19.95 -17.40 -17.65
N TRP B 244 -18.97 -16.66 -17.15
CA TRP B 244 -18.90 -15.23 -17.44
C TRP B 244 -17.59 -14.84 -18.13
N HIS B 245 -17.10 -15.77 -18.94
CA HIS B 245 -16.07 -15.47 -19.92
C HIS B 245 -14.81 -14.85 -19.29
N ASP B 246 -14.32 -13.75 -19.86
CA ASP B 246 -13.10 -13.13 -19.36
C ASP B 246 -13.20 -12.74 -17.88
N GLU B 247 -14.40 -12.33 -17.48
CA GLU B 247 -14.62 -11.91 -16.10
C GLU B 247 -14.40 -13.08 -15.12
N SER B 248 -14.80 -14.28 -15.51
CA SER B 248 -14.59 -15.45 -14.66
C SER B 248 -13.11 -15.71 -14.45
N HIS B 249 -12.33 -15.60 -15.52
CA HIS B 249 -10.88 -15.80 -15.41
C HIS B 249 -10.20 -14.67 -14.65
N LEU B 250 -10.66 -13.44 -14.87
CA LEU B 250 -10.19 -12.29 -14.13
C LEU B 250 -10.35 -12.56 -12.63
N ASN B 251 -11.49 -13.11 -12.26
CA ASN B 251 -11.78 -13.39 -10.84
C ASN B 251 -10.89 -14.49 -10.25
N LYS B 252 -10.63 -15.52 -11.04
CA LYS B 252 -9.69 -16.57 -10.62
C LYS B 252 -8.28 -15.99 -10.45
N TYR B 253 -7.86 -15.13 -11.37
CA TYR B 253 -6.54 -14.51 -11.25
C TYR B 253 -6.37 -13.65 -9.98
N LEU B 254 -7.32 -12.76 -9.71
CA LEU B 254 -7.22 -11.87 -8.56
C LEU B 254 -7.48 -12.57 -7.22
N LEU B 255 -8.06 -13.77 -7.26
CA LEU B 255 -8.19 -14.57 -6.04
C LEU B 255 -6.82 -15.03 -5.59
N ARG B 256 -6.02 -15.48 -6.55
CA ARG B 256 -4.70 -16.05 -6.28
C ARG B 256 -3.61 -15.00 -6.22
N HIS B 257 -3.83 -13.88 -6.91
CA HIS B 257 -2.87 -12.77 -6.92
C HIS B 257 -3.59 -11.54 -6.40
N LYS B 258 -3.44 -11.24 -5.11
CA LYS B 258 -4.26 -10.20 -4.51
C LYS B 258 -3.93 -8.83 -5.11
N PRO B 259 -4.96 -8.07 -5.51
CA PRO B 259 -4.75 -6.69 -5.97
C PRO B 259 -4.26 -5.78 -4.84
N THR B 260 -3.44 -4.81 -5.22
CA THR B 260 -2.86 -3.89 -4.26
C THR B 260 -3.77 -2.69 -3.96
N LYS B 261 -4.82 -2.51 -4.77
CA LYS B 261 -5.94 -1.62 -4.43
C LYS B 261 -7.18 -2.28 -4.99
N VAL B 262 -8.33 -2.02 -4.39
CA VAL B 262 -9.60 -2.46 -4.92
C VAL B 262 -10.47 -1.21 -5.07
N LEU B 263 -11.07 -1.02 -6.24
CA LEU B 263 -11.93 0.14 -6.46
C LEU B 263 -13.36 -0.20 -6.05
N SER B 264 -14.04 0.74 -5.41
CA SER B 264 -15.43 0.55 -5.03
C SER B 264 -16.33 0.68 -6.27
N PRO B 265 -17.61 0.29 -6.14
CA PRO B 265 -18.51 0.39 -7.31
C PRO B 265 -18.80 1.83 -7.78
N GLU B 266 -18.31 2.84 -7.05
CA GLU B 266 -18.32 4.20 -7.59
C GLU B 266 -17.72 4.20 -8.99
N TYR B 267 -16.74 3.31 -9.19
CA TYR B 267 -15.95 3.24 -10.42
C TYR B 267 -16.53 2.37 -11.52
N LEU B 268 -17.64 1.69 -11.22
CA LEU B 268 -18.25 0.80 -12.19
C LEU B 268 -19.69 0.58 -11.77
N TRP B 269 -20.58 1.38 -12.35
CA TRP B 269 -21.96 1.40 -11.90
C TRP B 269 -22.95 1.31 -13.07
N ASP B 270 -24.19 0.93 -12.75
CA ASP B 270 -25.30 0.99 -13.71
C ASP B 270 -26.48 1.59 -12.95
N GLN B 271 -26.72 2.87 -13.16
CA GLN B 271 -27.80 3.56 -12.44
C GLN B 271 -29.19 3.07 -12.84
N GLN B 272 -29.35 2.70 -14.11
CA GLN B 272 -30.62 2.17 -14.59
C GLN B 272 -31.03 0.90 -13.84
N LEU B 273 -30.08 0.00 -13.63
CA LEU B 273 -30.36 -1.30 -13.05
C LEU B 273 -30.37 -1.28 -11.51
N LEU B 274 -29.61 -0.35 -10.94
CA LEU B 274 -29.26 -0.43 -9.53
C LEU B 274 -29.49 0.86 -8.77
N GLY B 275 -29.87 1.92 -9.48
CA GLY B 275 -30.22 3.17 -8.82
C GLY B 275 -29.01 3.91 -8.26
N TRP B 276 -29.18 4.58 -7.13
CA TRP B 276 -28.10 5.35 -6.49
C TRP B 276 -28.17 5.16 -4.98
N PRO B 277 -27.59 4.06 -4.47
CA PRO B 277 -27.59 3.73 -3.03
C PRO B 277 -26.84 4.78 -2.20
N ALA B 278 -27.22 4.88 -0.94
CA ALA B 278 -26.60 5.83 -0.01
C ALA B 278 -25.10 5.59 0.11
N VAL B 279 -24.70 4.35 -0.08
CA VAL B 279 -23.30 3.95 0.06
C VAL B 279 -22.42 4.50 -1.08
N LEU B 280 -23.05 4.95 -2.17
CA LEU B 280 -22.35 5.59 -3.27
C LEU B 280 -22.48 7.11 -3.21
N ARG B 281 -21.41 7.78 -2.80
CA ARG B 281 -21.46 9.24 -2.70
C ARG B 281 -21.25 9.88 -4.06
N LYS B 282 -20.53 9.18 -4.93
CA LYS B 282 -20.32 9.62 -6.30
C LYS B 282 -20.55 8.46 -7.26
N LEU B 283 -21.10 8.78 -8.43
CA LEU B 283 -21.15 7.79 -9.49
C LEU B 283 -20.15 8.22 -10.56
N ARG B 284 -19.02 7.51 -10.67
CA ARG B 284 -17.90 8.03 -11.46
C ARG B 284 -17.86 7.55 -12.90
N PHE B 285 -18.14 6.27 -13.09
CA PHE B 285 -18.00 5.63 -14.39
C PHE B 285 -19.19 4.68 -14.49
N THR B 286 -20.09 4.96 -15.42
CA THR B 286 -21.42 4.34 -15.44
C THR B 286 -21.82 3.82 -16.81
N ALA B 287 -22.66 2.77 -16.79
CA ALA B 287 -23.22 2.16 -17.99
C ALA B 287 -24.06 3.09 -18.84
N VAL B 288 -23.85 3.03 -20.15
CA VAL B 288 -24.71 3.70 -21.10
C VAL B 288 -25.70 2.64 -21.59
N PRO B 289 -26.99 2.99 -21.71
CA PRO B 289 -27.97 2.03 -22.20
C PRO B 289 -27.58 1.39 -23.54
N LYS B 290 -27.88 0.10 -23.64
CA LYS B 290 -27.63 -0.62 -24.88
C LYS B 290 -28.60 -1.79 -24.99
MN MN C . 12.75 4.37 24.67
CBD 4GW D . 19.47 9.87 30.07
OAD 4GW D . 20.07 9.47 31.23
CBE 4GW D . 19.48 8.98 28.87
SBB 4GW D . 20.54 7.70 28.53
CAP 4GW D . 18.61 9.07 27.78
CAQ 4GW D . 18.87 8.12 26.74
CBF 4GW D . 19.95 7.27 27.00
CBG 4GW D . 20.46 6.13 26.12
CAR 4GW D . 19.71 5.71 25.02
CBH 4GW D . 21.58 5.39 26.49
OAE 4GW D . 22.27 5.73 27.45
NAV 4GW D . 21.94 4.35 25.71
CBI 4GW D . 21.22 4.01 24.63
OAF 4GW D . 21.53 3.01 23.93
NBS 4GW D . 20.13 4.68 24.28
C1' 4GW D . 19.34 4.25 23.06
O4' 4GW D . 18.52 5.38 22.53
C2' 4GW D . 18.42 3.10 23.27
O2' 4GW D . 18.37 2.34 22.13
C3' 4GW D . 17.18 3.83 23.55
O3' 4GW D . 16.08 2.98 23.41
C4' 4GW D . 17.19 4.93 22.56
C5' 4GW D . 16.31 6.09 22.98
O5' 4GW D . 16.51 6.60 24.26
PBT 4GW D . 15.41 6.38 25.38
OAN 4GW D . 16.08 6.42 26.73
OAG 4GW D . 14.70 5.03 25.22
OBA 4GW D . 14.41 7.58 25.38
PBU 4GW D . 13.05 7.74 24.73
OAO 4GW D . 12.36 8.89 25.38
OAH 4GW D . 13.21 8.08 23.23
O1 4GW D . 12.17 6.52 24.93
C1 BHE E . 8.99 8.36 25.91
O1 BHE E . 6.03 10.78 25.82
C2 BHE E . 9.55 7.79 27.19
O2 BHE E . 10.66 8.59 27.62
C3 BHE E . 8.49 7.87 28.30
O3 BHE E . 9.08 7.28 29.46
C4 BHE E . 7.29 7.04 27.91
O4 BHE E . 7.61 5.66 27.77
C5 BHE E . 6.76 7.67 26.60
O5 BHE E . 7.77 7.63 25.55
C6 BHE E . 5.53 6.91 26.13
O6 BHE E . 6.43 14.74 23.12
C6B BHE E . 0.46 14.43 25.36
C5B BHE E . 0.94 13.47 26.46
C4B BHE E . 2.13 12.65 25.97
C3B BHE E . 2.57 11.68 27.08
C2B BHE E . 3.76 10.81 26.61
C1B BHE E . 4.97 11.67 26.22
C1A BHE E . 7.18 11.49 25.33
O5A BHE E . 6.80 12.25 24.20
C5A BHE E . 7.93 12.98 23.71
C6A BHE E . 7.41 13.84 22.57
C4A BHE E . 9.07 12.02 23.27
O4A BHE E . 8.69 11.18 22.18
C3A BHE E . 9.45 11.23 24.49
O3A BHE E . 10.51 10.30 24.12
C2A BHE E . 8.23 10.47 24.96
O2A BHE E . 8.55 9.70 26.13
C19 BHE E . -0.73 15.24 25.86
C20 BHE E . -1.21 16.19 24.75
S SO4 F . 31.48 13.34 22.24
O1 SO4 F . 31.22 11.94 22.54
O2 SO4 F . 32.79 13.70 22.77
O3 SO4 F . 30.47 14.17 22.88
O4 SO4 F . 31.45 13.57 20.80
MN MN G . -20.13 -3.23 -20.76
CBD 4GW H . -24.34 -8.84 -28.11
OAD 4GW H . -25.09 -8.23 -29.09
CBE 4GW H . -22.99 -8.27 -27.82
SBB 4GW H . -21.99 -7.41 -28.88
CAP 4GW H . -22.28 -8.35 -26.61
CAQ 4GW H . -20.98 -7.71 -26.64
CBF 4GW H . -20.66 -7.14 -27.88
CBG 4GW H . -19.40 -6.32 -28.20
CAR 4GW H . -18.54 -5.91 -27.18
CBH 4GW H . -19.17 -5.82 -29.48
OAE 4GW H . -19.91 -6.13 -30.42
NAV 4GW H . -18.10 -5.04 -29.69
CBI 4GW H . -17.26 -4.70 -28.69
OAF 4GW H . -16.31 -3.89 -28.87
NBS 4GW H . -17.48 -5.14 -27.45
C1' 4GW H . -16.52 -4.75 -26.33
O4' 4GW H . -16.49 -5.73 -25.21
C2' 4GW H . -16.75 -3.43 -25.71
O2' 4GW H . -15.56 -2.86 -25.31
C3' 4GW H . -17.61 -3.84 -24.59
O3' 4GW H . -17.69 -2.83 -23.65
C4' 4GW H . -16.92 -5.04 -24.06
C5' 4GW H . -17.86 -5.97 -23.32
O5' 4GW H . -19.10 -6.19 -23.89
PBT 4GW H . -20.37 -5.60 -23.17
OAN 4GW H . -20.03 -4.16 -22.75
OAG 4GW H . -21.57 -5.56 -24.09
OBA 4GW H . -20.61 -6.55 -21.95
PBU 4GW H . -21.42 -6.26 -20.70
OAO 4GW H . -22.84 -5.97 -21.09
OAH 4GW H . -20.88 -5.08 -19.92
O1 4GW H . -21.44 -7.50 -19.81
C1 BHE I . -23.42 -6.18 -17.15
O1 BHE I . -24.82 -7.86 -14.03
C2 BHE I . -24.31 -5.52 -18.16
O2 BHE I . -24.61 -6.42 -19.23
C3 BHE I . -25.64 -5.16 -17.55
O3 BHE I . -26.38 -4.50 -18.56
C4 BHE I . -25.41 -4.21 -16.40
O4 BHE I . -24.81 -2.97 -16.82
C5 BHE I . -24.53 -4.93 -15.41
O5 BHE I . -23.26 -5.30 -16.02
C6 BHE I . -24.25 -4.00 -14.20
O6 BHE I . -23.06 -12.15 -12.82
C6B BHE I . -27.36 -10.08 -8.35
C5B BHE I . -27.97 -9.04 -9.32
C4B BHE I . -26.88 -8.64 -10.31
C3B BHE I . -27.43 -7.61 -11.29
C2B BHE I . -26.34 -7.19 -12.29
C1B BHE I . -25.80 -8.36 -13.11
C1A BHE I . -24.16 -8.87 -14.83
O5A BHE I . -23.41 -9.71 -13.96
C5A BHE I . -22.72 -10.74 -14.70
C6A BHE I . -22.02 -11.63 -13.67
C4A BHE I . -21.75 -10.12 -15.70
O4A BHE I . -20.82 -9.32 -14.97
C3A BHE I . -22.57 -9.25 -16.64
O3A BHE I . -21.67 -8.63 -17.59
C2A BHE I . -23.26 -8.18 -15.78
O2A BHE I . -24.07 -7.32 -16.60
C19 BHE I . -28.39 -10.50 -7.31
C20 BHE I . -28.81 -9.26 -6.50
#